data_1XVV
#
_entry.id   1XVV
#
_cell.length_a   86.627
_cell.length_b   86.627
_cell.length_c   163.863
_cell.angle_alpha   90.00
_cell.angle_beta   90.00
_cell.angle_gamma   90.00
#
_symmetry.space_group_name_H-M   'P 41 21 2'
#
loop_
_entity.id
_entity.type
_entity.pdbx_description
1 polymer 'Crotonobetainyl-CoA:carnitine CoA-transferase'
2 non-polymer 'L-CARNITINYL-COA INNER SALT'
3 water water
#
_entity_poly.entity_id   1
_entity_poly.type   'polypeptide(L)'
_entity_poly.pdbx_seq_one_letter_code
;GSHMDHLPMPKFGPLAGLRVVFSGIEIAGPFAGQMFAEWGAEVIWIENVAWADTIRVQPNYPQLSRRNLHALSLNIFKDE
GREAFLKLMETTDIFIEASKGPAFARRGITDEVLWQHNPKLVIAHLSGFGQYGTEEYTNLPAYNTIAQAFSGYLIQNGDV
DQPMPAFPYTAAYFSGLTATTAALAALHKVRETGKGESIDIAMYEVMLRMGQYFMMDYFNGGEMCPRMSKGKDPYYAGCG
LYKCADGYIVMELVGITQIEECFKDIGLAHLLGTPEIPEGTQLIHRIECPYGPLVEEKLDAWLATHTIAEVKERFAELNI
ACAKVLTVPELESNPQYVARESITQWQTMDGRTCKGPNIMPKFKNNPGQIWRGMPSHGMDTAAILKNIGYSENDIQELVS
KGLAKVED
;
_entity_poly.pdbx_strand_id   A
#
loop_
_chem_comp.id
_chem_comp.type
_chem_comp.name
_chem_comp.formula
CCQ non-polymer 'L-CARNITINYL-COA INNER SALT' 'C28 H49 N8 O18 P3 S'
#
# COMPACT_ATOMS: atom_id res chain seq x y z
N LEU A 7 24.95 -12.18 -0.89
CA LEU A 7 24.78 -11.36 -2.13
C LEU A 7 25.23 -9.91 -1.89
N PRO A 8 26.07 -9.36 -2.80
CA PRO A 8 26.74 -8.07 -2.52
C PRO A 8 25.76 -6.89 -2.48
N MET A 9 25.68 -6.26 -1.30
CA MET A 9 24.75 -5.16 -1.05
C MET A 9 25.23 -4.32 0.14
N PRO A 10 25.03 -2.98 0.08
CA PRO A 10 25.35 -2.06 1.18
C PRO A 10 24.61 -2.41 2.45
N LYS A 11 25.23 -2.16 3.60
CA LYS A 11 24.58 -2.39 4.89
C LYS A 11 23.92 -1.12 5.40
N PHE A 12 22.58 -1.11 5.39
CA PHE A 12 21.83 0.08 5.75
C PHE A 12 20.42 -0.26 6.24
N GLY A 13 19.78 0.75 6.83
CA GLY A 13 18.36 0.65 7.19
C GLY A 13 18.13 -0.20 8.43
N PRO A 14 16.91 -0.17 8.97
CA PRO A 14 16.60 -1.00 10.12
C PRO A 14 16.58 -2.52 9.84
N LEU A 15 16.50 -2.92 8.57
CA LEU A 15 16.38 -4.34 8.22
C LEU A 15 17.61 -4.96 7.57
N ALA A 16 18.76 -4.29 7.69
CA ALA A 16 20.03 -4.84 7.20
C ALA A 16 20.22 -6.28 7.64
N GLY A 17 20.57 -7.15 6.69
CA GLY A 17 20.88 -8.55 7.00
C GLY A 17 19.67 -9.44 7.21
N LEU A 18 18.49 -8.94 6.89
CA LEU A 18 17.28 -9.76 6.90
C LEU A 18 17.10 -10.36 5.52
N ARG A 19 16.71 -11.63 5.47
CA ARG A 19 16.63 -12.37 4.21
C ARG A 19 15.16 -12.62 3.87
N VAL A 20 14.70 -11.94 2.82
CA VAL A 20 13.31 -11.95 2.44
C VAL A 20 13.21 -12.48 1.02
N VAL A 21 12.23 -13.36 0.78
CA VAL A 21 12.01 -13.92 -0.56
C VAL A 21 10.54 -13.74 -0.93
N PHE A 22 10.25 -13.29 -2.15
CA PHE A 22 8.84 -13.21 -2.58
C PHE A 22 8.52 -13.78 -3.96
N SER A 23 7.35 -14.39 -4.04
CA SER A 23 6.82 -14.89 -5.30
C SER A 23 5.47 -14.23 -5.53
N GLY A 24 5.34 -13.51 -6.64
CA GLY A 24 4.12 -12.76 -6.90
C GLY A 24 4.34 -11.78 -8.03
N ILE A 25 3.23 -11.36 -8.64
CA ILE A 25 3.22 -10.42 -9.76
C ILE A 25 2.41 -9.16 -9.44
N GLU A 26 2.52 -8.16 -10.32
CA GLU A 26 1.85 -6.87 -10.21
C GLU A 26 2.21 -6.11 -8.94
N ILE A 27 1.21 -5.64 -8.21
CA ILE A 27 1.42 -4.81 -7.04
C ILE A 27 1.55 -5.55 -5.69
N ALA A 28 0.51 -6.26 -5.25
CA ALA A 28 0.33 -6.64 -3.83
C ALA A 28 1.47 -7.41 -3.15
N GLY A 29 1.83 -8.58 -3.67
CA GLY A 29 2.96 -9.36 -3.14
C GLY A 29 4.30 -8.66 -3.33
N PRO A 30 4.59 -8.23 -4.57
CA PRO A 30 5.85 -7.53 -4.79
C PRO A 30 5.98 -6.27 -3.93
N PHE A 31 4.88 -5.54 -3.75
CA PHE A 31 4.93 -4.35 -2.93
C PHE A 31 5.32 -4.70 -1.49
N ALA A 32 4.70 -5.76 -0.93
CA ALA A 32 5.02 -6.25 0.40
C ALA A 32 6.51 -6.61 0.56
N GLY A 33 7.06 -7.28 -0.46
CA GLY A 33 8.45 -7.73 -0.40
C GLY A 33 9.45 -6.62 -0.64
N GLN A 34 9.10 -5.69 -1.52
CA GLN A 34 9.99 -4.61 -1.90
C GLN A 34 10.13 -3.58 -0.79
N MET A 35 9.11 -3.42 0.05
CA MET A 35 9.20 -2.48 1.17
C MET A 35 10.38 -2.87 2.09
N PHE A 36 10.55 -4.17 2.30
CA PHE A 36 11.72 -4.72 2.99
C PHE A 36 13.05 -4.18 2.41
N ALA A 37 13.15 -4.16 1.08
CA ALA A 37 14.35 -3.69 0.37
C ALA A 37 14.57 -2.17 0.43
N GLU A 38 13.49 -1.40 0.41
CA GLU A 38 13.58 0.04 0.70
C GLU A 38 14.30 0.27 2.04
N TRP A 39 14.14 -0.66 2.98
CA TRP A 39 14.67 -0.52 4.34
C TRP A 39 15.91 -1.39 4.66
N GLY A 40 16.52 -1.96 3.61
CA GLY A 40 17.86 -2.53 3.73
C GLY A 40 17.92 -4.03 3.90
N ALA A 41 16.79 -4.71 3.70
CA ALA A 41 16.75 -6.16 3.75
C ALA A 41 17.33 -6.74 2.46
N GLU A 42 17.76 -7.99 2.54
CA GLU A 42 18.19 -8.68 1.35
C GLU A 42 16.95 -9.35 0.77
N VAL A 43 16.49 -8.83 -0.36
CA VAL A 43 15.21 -9.26 -0.88
C VAL A 43 15.34 -9.87 -2.25
N ILE A 44 14.87 -11.11 -2.35
CA ILE A 44 14.92 -11.88 -3.57
C ILE A 44 13.53 -11.97 -4.18
N TRP A 45 13.47 -11.54 -5.43
CA TRP A 45 12.26 -11.50 -6.23
C TRP A 45 12.31 -12.74 -7.12
N ILE A 46 11.31 -13.62 -6.96
CA ILE A 46 11.17 -14.80 -7.81
C ILE A 46 10.20 -14.51 -8.95
N GLU A 47 10.67 -14.77 -10.17
CA GLU A 47 9.84 -14.72 -11.36
C GLU A 47 9.78 -16.13 -11.92
N ASN A 48 8.75 -16.40 -12.73
CA ASN A 48 8.61 -17.67 -13.43
C ASN A 48 9.80 -17.83 -14.37
N VAL A 49 9.95 -19.02 -14.95
CA VAL A 49 11.01 -19.26 -15.92
C VAL A 49 10.62 -18.79 -17.31
N ALA A 50 9.49 -19.28 -17.82
CA ALA A 50 9.09 -19.00 -19.21
C ALA A 50 8.46 -17.62 -19.35
N TRP A 51 7.69 -17.23 -18.34
CA TRP A 51 7.09 -15.92 -18.26
C TRP A 51 7.94 -15.05 -17.34
N ALA A 52 7.59 -13.76 -17.26
CA ALA A 52 8.24 -12.84 -16.33
C ALA A 52 7.13 -12.01 -15.67
N ASP A 53 7.41 -11.45 -14.49
CA ASP A 53 6.46 -10.58 -13.77
C ASP A 53 5.76 -9.62 -14.75
N THR A 54 4.43 -9.61 -14.70
CA THR A 54 3.62 -8.75 -15.57
C THR A 54 3.90 -7.24 -15.43
N ILE A 55 4.38 -6.81 -14.27
CA ILE A 55 4.70 -5.41 -14.03
C ILE A 55 5.66 -4.81 -15.08
N ARG A 56 6.60 -5.64 -15.56
CA ARG A 56 7.58 -5.25 -16.58
C ARG A 56 6.99 -4.64 -17.85
N VAL A 57 5.68 -4.80 -18.04
CA VAL A 57 4.97 -4.22 -19.19
C VAL A 57 4.78 -2.71 -19.01
N GLN A 58 4.87 -2.23 -17.77
CA GLN A 58 4.74 -0.81 -17.48
C GLN A 58 6.03 -0.08 -17.85
N PRO A 59 5.90 1.06 -18.55
CA PRO A 59 7.07 1.73 -19.11
C PRO A 59 8.00 2.42 -18.09
N ASN A 60 7.48 2.81 -16.93
CA ASN A 60 8.30 3.52 -15.93
C ASN A 60 8.17 3.07 -14.47
N TYR A 61 6.94 2.76 -14.04
CA TYR A 61 6.68 2.43 -12.64
C TYR A 61 7.60 1.36 -12.02
N PRO A 62 7.88 0.26 -12.75
CA PRO A 62 8.74 -0.83 -12.23
C PRO A 62 10.14 -0.38 -11.75
N GLN A 63 10.64 0.72 -12.30
CA GLN A 63 11.92 1.29 -11.87
C GLN A 63 11.87 1.74 -10.41
N LEU A 64 10.72 2.26 -9.99
CA LEU A 64 10.47 2.53 -8.59
C LEU A 64 10.10 1.24 -7.84
N SER A 65 9.12 0.53 -8.37
CA SER A 65 8.53 -0.58 -7.60
C SER A 65 9.35 -1.86 -7.55
N ARG A 66 10.42 -1.93 -8.34
CA ARG A 66 11.33 -3.07 -8.23
C ARG A 66 12.78 -2.74 -7.88
N ARG A 67 13.02 -1.52 -7.41
CA ARG A 67 14.38 -1.11 -7.05
C ARG A 67 14.89 -1.85 -5.80
N ASN A 68 16.22 -1.89 -5.64
CA ASN A 68 16.85 -2.56 -4.49
C ASN A 68 16.61 -4.08 -4.43
N LEU A 69 16.19 -4.68 -5.54
CA LEU A 69 15.83 -6.10 -5.53
C LEU A 69 16.87 -6.95 -6.21
N HIS A 70 16.94 -8.22 -5.81
CA HIS A 70 17.72 -9.24 -6.51
C HIS A 70 16.76 -10.13 -7.28
N ALA A 71 17.08 -10.41 -8.54
CA ALA A 71 16.16 -11.15 -9.41
C ALA A 71 16.50 -12.64 -9.58
N LEU A 72 15.47 -13.47 -9.44
CA LEU A 72 15.64 -14.92 -9.49
C LEU A 72 14.62 -15.50 -10.47
N SER A 73 15.05 -16.49 -11.24
CA SER A 73 14.17 -17.26 -12.11
C SER A 73 14.37 -18.72 -11.82
N LEU A 74 13.39 -19.31 -11.14
CA LEU A 74 13.39 -20.72 -10.85
C LEU A 74 11.96 -21.21 -10.93
N ASN A 75 11.76 -22.32 -11.61
CA ASN A 75 10.52 -23.05 -11.54
C ASN A 75 10.49 -23.72 -10.19
N ILE A 76 9.85 -23.04 -9.23
CA ILE A 76 9.88 -23.41 -7.83
C ILE A 76 9.02 -24.64 -7.52
N PHE A 77 8.32 -25.15 -8.54
CA PHE A 77 7.49 -26.36 -8.38
C PHE A 77 8.03 -27.65 -9.02
N LYS A 78 9.03 -27.55 -9.91
CA LYS A 78 9.54 -28.73 -10.63
C LYS A 78 10.83 -29.35 -10.09
N ASP A 79 10.78 -30.67 -9.89
CA ASP A 79 11.94 -31.49 -9.46
C ASP A 79 13.05 -30.72 -8.74
N GLU A 80 14.12 -30.40 -9.49
CA GLU A 80 15.31 -29.76 -8.94
C GLU A 80 15.10 -28.27 -8.70
N GLY A 81 14.27 -27.64 -9.53
CA GLY A 81 13.81 -26.27 -9.29
C GLY A 81 13.12 -26.15 -7.94
N ARG A 82 12.26 -27.12 -7.63
CA ARG A 82 11.64 -27.21 -6.31
C ARG A 82 12.68 -27.48 -5.21
N GLU A 83 13.63 -28.36 -5.50
CA GLU A 83 14.63 -28.77 -4.49
C GLU A 83 15.54 -27.62 -4.04
N ALA A 84 15.80 -26.67 -4.94
CA ALA A 84 16.60 -25.47 -4.64
C ALA A 84 15.77 -24.45 -3.88
N PHE A 85 14.51 -24.28 -4.28
CA PHE A 85 13.63 -23.35 -3.60
C PHE A 85 13.58 -23.67 -2.10
N LEU A 86 13.55 -24.98 -1.80
CA LEU A 86 13.51 -25.47 -0.42
C LEU A 86 14.84 -25.34 0.30
N LYS A 87 15.96 -25.55 -0.41
CA LYS A 87 17.28 -25.22 0.14
C LYS A 87 17.33 -23.71 0.42
N LEU A 88 16.92 -22.89 -0.54
CA LEU A 88 16.88 -21.43 -0.35
C LEU A 88 16.12 -21.04 0.92
N MET A 89 14.95 -21.66 1.10
CA MET A 89 14.10 -21.42 2.26
C MET A 89 14.79 -21.68 3.60
N GLU A 90 15.83 -22.50 3.58
CA GLU A 90 16.57 -22.82 4.81
C GLU A 90 17.40 -21.63 5.30
N THR A 91 17.70 -20.69 4.41
CA THR A 91 18.45 -19.49 4.77
C THR A 91 17.56 -18.25 4.87
N THR A 92 16.28 -18.42 4.51
CA THR A 92 15.35 -17.30 4.43
C THR A 92 14.64 -17.06 5.75
N ASP A 93 14.47 -15.78 6.11
CA ASP A 93 13.77 -15.40 7.32
C ASP A 93 12.27 -15.25 7.05
N ILE A 94 11.93 -14.63 5.91
CA ILE A 94 10.54 -14.29 5.54
C ILE A 94 10.26 -14.62 4.07
N PHE A 95 9.17 -15.34 3.83
CA PHE A 95 8.73 -15.65 2.46
C PHE A 95 7.31 -15.15 2.24
N ILE A 96 7.16 -14.31 1.22
CA ILE A 96 5.86 -13.73 0.84
C ILE A 96 5.40 -14.40 -0.44
N GLU A 97 4.22 -14.99 -0.45
CA GLU A 97 3.71 -15.51 -1.70
C GLU A 97 2.29 -15.04 -1.97
N ALA A 98 2.05 -14.63 -3.21
CA ALA A 98 0.74 -14.15 -3.61
C ALA A 98 0.18 -15.05 -4.70
N SER A 99 -0.86 -15.79 -4.38
CA SER A 99 -1.50 -16.64 -5.37
C SER A 99 -3.00 -16.77 -5.11
N LYS A 100 -3.67 -17.49 -5.99
CA LYS A 100 -5.08 -17.84 -5.85
C LYS A 100 -5.30 -18.82 -4.70
N GLY A 101 -5.64 -18.33 -3.51
CA GLY A 101 -5.93 -19.22 -2.38
C GLY A 101 -4.74 -20.10 -2.02
N PRO A 102 -4.98 -21.33 -1.54
CA PRO A 102 -3.89 -22.23 -1.11
C PRO A 102 -3.26 -22.97 -2.30
N ALA A 103 -2.75 -22.21 -3.27
CA ALA A 103 -2.21 -22.80 -4.49
C ALA A 103 -0.90 -23.52 -4.23
N PHE A 104 -0.12 -23.00 -3.29
CA PHE A 104 1.15 -23.60 -2.92
C PHE A 104 0.92 -24.95 -2.27
N ALA A 105 -0.03 -24.99 -1.33
CA ALA A 105 -0.38 -26.23 -0.64
C ALA A 105 -0.90 -27.25 -1.63
N ARG A 106 -1.77 -26.82 -2.54
CA ARG A 106 -2.34 -27.70 -3.55
C ARG A 106 -1.25 -28.33 -4.39
N ARG A 107 -0.19 -27.56 -4.66
CA ARG A 107 0.92 -28.05 -5.47
C ARG A 107 2.03 -28.73 -4.67
N GLY A 108 1.82 -28.91 -3.38
CA GLY A 108 2.72 -29.73 -2.58
C GLY A 108 3.58 -28.97 -1.60
N ILE A 109 3.73 -27.67 -1.80
CA ILE A 109 4.55 -26.87 -0.88
C ILE A 109 3.70 -26.36 0.28
N THR A 110 3.41 -27.25 1.22
CA THR A 110 2.67 -26.92 2.44
C THR A 110 3.55 -26.06 3.36
N ASP A 111 2.93 -25.48 4.38
CA ASP A 111 3.66 -24.79 5.43
C ASP A 111 4.52 -25.80 6.20
N GLU A 112 3.96 -27.01 6.38
CA GLU A 112 4.67 -28.12 6.99
C GLU A 112 5.92 -28.54 6.21
N VAL A 113 5.80 -28.59 4.87
CA VAL A 113 6.97 -28.84 4.00
C VAL A 113 8.02 -27.74 4.16
N LEU A 114 7.56 -26.49 4.17
CA LEU A 114 8.43 -25.33 4.34
C LEU A 114 9.12 -25.29 5.70
N TRP A 115 8.37 -25.59 6.77
CA TRP A 115 8.95 -25.62 8.12
C TRP A 115 9.89 -26.81 8.36
N GLN A 116 9.77 -27.87 7.56
CA GLN A 116 10.75 -28.96 7.64
C GLN A 116 12.13 -28.45 7.20
N HIS A 117 12.14 -27.50 6.27
CA HIS A 117 13.38 -26.88 5.77
C HIS A 117 13.85 -25.72 6.64
N ASN A 118 12.89 -25.04 7.29
CA ASN A 118 13.19 -23.92 8.16
C ASN A 118 12.05 -23.74 9.18
N PRO A 119 12.19 -24.36 10.38
CA PRO A 119 11.20 -24.30 11.47
C PRO A 119 10.90 -22.89 11.95
N LYS A 120 11.77 -21.93 11.63
CA LYS A 120 11.60 -20.53 12.04
C LYS A 120 10.89 -19.67 10.98
N LEU A 121 10.87 -20.13 9.74
CA LEU A 121 10.35 -19.35 8.62
C LEU A 121 9.00 -18.68 8.91
N VAL A 122 8.92 -17.38 8.60
CA VAL A 122 7.67 -16.63 8.56
C VAL A 122 7.08 -16.70 7.13
N ILE A 123 5.87 -17.23 7.02
CA ILE A 123 5.18 -17.38 5.72
C ILE A 123 3.97 -16.46 5.64
N ALA A 124 3.97 -15.55 4.67
CA ALA A 124 2.85 -14.65 4.44
C ALA A 124 2.15 -15.06 3.16
N HIS A 125 0.91 -15.53 3.32
CA HIS A 125 0.06 -15.93 2.20
C HIS A 125 -0.90 -14.78 1.83
N LEU A 126 -0.78 -14.27 0.61
CA LEU A 126 -1.67 -13.21 0.14
C LEU A 126 -2.59 -13.76 -0.90
N SER A 127 -3.88 -13.56 -0.71
CA SER A 127 -4.86 -14.00 -1.69
C SER A 127 -6.08 -13.10 -1.66
N GLY A 128 -6.96 -13.28 -2.66
CA GLY A 128 -8.13 -12.45 -2.75
C GLY A 128 -9.12 -12.77 -1.65
N PHE A 129 -9.28 -14.08 -1.37
CA PHE A 129 -10.39 -14.60 -0.59
C PHE A 129 -9.96 -15.50 0.58
N GLY A 130 -8.66 -15.69 0.76
CA GLY A 130 -8.14 -16.44 1.90
C GLY A 130 -7.57 -17.81 1.54
N GLN A 131 -6.96 -18.46 2.52
CA GLN A 131 -6.37 -19.79 2.36
C GLN A 131 -7.41 -20.91 2.48
N TYR A 132 -8.57 -20.57 3.03
CA TYR A 132 -9.64 -21.54 3.24
C TYR A 132 -10.97 -20.79 3.25
N GLY A 133 -12.05 -21.50 3.01
CA GLY A 133 -13.37 -20.89 2.99
C GLY A 133 -14.34 -21.84 2.31
N THR A 134 -15.04 -21.33 1.29
CA THR A 134 -15.93 -22.16 0.48
C THR A 134 -15.26 -22.47 -0.86
N GLU A 135 -15.74 -23.51 -1.52
CA GLU A 135 -15.26 -23.88 -2.85
C GLU A 135 -15.53 -22.81 -3.90
N GLU A 136 -16.64 -22.08 -3.73
CA GLU A 136 -17.07 -21.06 -4.68
C GLU A 136 -16.07 -19.88 -4.82
N TYR A 137 -15.47 -19.47 -3.70
CA TYR A 137 -14.63 -18.27 -3.67
C TYR A 137 -13.14 -18.49 -3.41
N THR A 138 -12.78 -19.50 -2.64
CA THR A 138 -11.43 -19.60 -2.10
C THR A 138 -10.33 -19.63 -3.16
N ASN A 139 -10.60 -20.27 -4.30
CA ASN A 139 -9.58 -20.42 -5.32
C ASN A 139 -9.67 -19.41 -6.46
N LEU A 140 -10.49 -18.36 -6.29
CA LEU A 140 -10.70 -17.37 -7.34
C LEU A 140 -9.50 -16.43 -7.44
N PRO A 141 -9.16 -16.00 -8.68
CA PRO A 141 -8.17 -14.95 -8.87
C PRO A 141 -8.72 -13.61 -8.42
N ALA A 142 -7.83 -12.68 -8.06
CA ALA A 142 -8.25 -11.37 -7.59
C ALA A 142 -7.23 -10.35 -7.99
N TYR A 143 -7.70 -9.14 -8.24
CA TYR A 143 -6.89 -7.94 -8.37
C TYR A 143 -7.54 -6.90 -7.46
N ASN A 144 -6.88 -5.76 -7.30
CA ASN A 144 -7.37 -4.65 -6.50
C ASN A 144 -8.88 -4.45 -6.61
N THR A 145 -9.37 -4.40 -7.83
CA THR A 145 -10.76 -4.07 -8.12
C THR A 145 -11.74 -5.13 -7.57
N ILE A 146 -11.33 -6.40 -7.64
CA ILE A 146 -12.11 -7.50 -7.12
C ILE A 146 -12.19 -7.39 -5.58
N ALA A 147 -11.08 -7.02 -4.93
CA ALA A 147 -11.07 -6.84 -3.46
C ALA A 147 -11.93 -5.64 -3.03
N GLN A 148 -11.91 -4.56 -3.82
CA GLN A 148 -12.77 -3.39 -3.54
C GLN A 148 -14.26 -3.74 -3.64
N ALA A 149 -14.63 -4.45 -4.72
CA ALA A 149 -15.98 -4.92 -4.93
C ALA A 149 -16.49 -5.83 -3.79
N PHE A 150 -15.68 -6.79 -3.37
CA PHE A 150 -16.13 -7.85 -2.47
C PHE A 150 -16.17 -7.40 -1.02
N SER A 151 -15.46 -6.31 -0.71
CA SER A 151 -15.29 -5.82 0.66
C SER A 151 -16.23 -4.67 1.04
N GLY A 152 -17.04 -4.24 0.09
CA GLY A 152 -17.89 -3.06 0.30
C GLY A 152 -17.16 -1.72 0.22
N TYR A 153 -15.89 -1.73 -0.18
CA TYR A 153 -15.11 -0.50 -0.33
C TYR A 153 -15.51 0.24 -1.60
N LEU A 154 -15.69 -0.52 -2.69
CA LEU A 154 -16.02 0.05 -3.99
C LEU A 154 -17.32 0.84 -3.92
N ILE A 155 -18.36 0.20 -3.37
CA ILE A 155 -19.66 0.85 -3.21
C ILE A 155 -19.59 2.16 -2.39
N GLN A 156 -18.55 2.36 -1.59
CA GLN A 156 -18.42 3.59 -0.77
C GLN A 156 -17.74 4.75 -1.52
N ASN A 157 -17.15 4.45 -2.67
CA ASN A 157 -16.35 5.41 -3.41
C ASN A 157 -17.09 5.92 -4.63
N GLY A 158 -16.77 7.15 -5.04
CA GLY A 158 -17.47 7.80 -6.13
C GLY A 158 -18.50 8.81 -5.69
N ASP A 159 -19.30 9.27 -6.65
CA ASP A 159 -20.32 10.30 -6.46
C ASP A 159 -21.63 9.65 -6.02
N VAL A 160 -22.60 10.47 -5.61
CA VAL A 160 -23.91 9.97 -5.17
C VAL A 160 -24.43 8.89 -6.12
N ASP A 161 -24.45 9.21 -7.41
CA ASP A 161 -25.07 8.39 -8.46
C ASP A 161 -24.13 7.43 -9.19
N GLN A 162 -22.84 7.52 -8.90
CA GLN A 162 -21.86 6.72 -9.63
C GLN A 162 -20.79 6.15 -8.71
N PRO A 163 -20.94 4.89 -8.31
CA PRO A 163 -19.87 4.24 -7.57
C PRO A 163 -18.70 3.97 -8.50
N MET A 164 -17.50 3.93 -7.93
CA MET A 164 -16.28 3.68 -8.68
C MET A 164 -15.20 3.26 -7.71
N PRO A 165 -14.17 2.56 -8.20
CA PRO A 165 -13.03 2.17 -7.36
C PRO A 165 -12.25 3.37 -6.84
N ALA A 166 -11.68 3.25 -5.63
CA ALA A 166 -10.61 4.15 -5.21
C ALA A 166 -9.43 3.85 -6.12
N PHE A 167 -8.66 4.88 -6.43
CA PHE A 167 -7.68 4.80 -7.51
C PHE A 167 -6.36 5.52 -7.17
N PRO A 168 -5.19 5.03 -7.64
CA PRO A 168 -4.86 3.84 -8.45
C PRO A 168 -4.63 2.60 -7.61
N TYR A 169 -5.42 1.57 -7.85
CA TYR A 169 -5.21 0.23 -7.28
C TYR A 169 -5.00 0.19 -5.78
N THR A 170 -5.71 1.08 -5.09
CA THR A 170 -5.69 1.26 -3.65
C THR A 170 -5.61 -0.02 -2.83
N ALA A 171 -6.46 -1.01 -3.15
CA ALA A 171 -6.55 -2.24 -2.33
C ALA A 171 -5.32 -3.10 -2.43
N ALA A 172 -4.55 -2.93 -3.50
CA ALA A 172 -3.35 -3.73 -3.72
C ALA A 172 -2.24 -3.23 -2.78
N TYR A 173 -2.18 -1.92 -2.60
CA TYR A 173 -1.26 -1.29 -1.65
C TYR A 173 -1.61 -1.57 -0.17
N PHE A 174 -2.90 -1.52 0.19
CA PHE A 174 -3.29 -1.87 1.54
C PHE A 174 -2.90 -3.31 1.85
N SER A 175 -3.20 -4.22 0.93
CA SER A 175 -2.96 -5.65 1.15
C SER A 175 -1.47 -5.97 1.28
N GLY A 176 -0.68 -5.42 0.38
CA GLY A 176 0.77 -5.59 0.45
C GLY A 176 1.35 -4.95 1.70
N LEU A 177 0.87 -3.76 2.06
CA LEU A 177 1.38 -3.11 3.27
C LEU A 177 1.05 -3.94 4.53
N THR A 178 -0.17 -4.49 4.60
CA THR A 178 -0.61 -5.39 5.66
C THR A 178 0.24 -6.68 5.76
N ALA A 179 0.58 -7.25 4.61
CA ALA A 179 1.50 -8.38 4.55
C ALA A 179 2.87 -8.01 5.16
N THR A 180 3.42 -6.85 4.79
CA THR A 180 4.68 -6.42 5.38
C THR A 180 4.54 -6.28 6.89
N THR A 181 3.45 -5.68 7.33
CA THR A 181 3.26 -5.43 8.75
C THR A 181 3.16 -6.73 9.53
N ALA A 182 2.24 -7.59 9.10
CA ALA A 182 2.04 -8.89 9.72
C ALA A 182 3.29 -9.78 9.76
N ALA A 183 4.09 -9.76 8.69
CA ALA A 183 5.35 -10.52 8.63
C ALA A 183 6.35 -10.02 9.66
N LEU A 184 6.49 -8.70 9.77
CA LEU A 184 7.38 -8.08 10.73
C LEU A 184 6.96 -8.37 12.17
N ALA A 185 5.65 -8.43 12.42
CA ALA A 185 5.15 -8.81 13.74
C ALA A 185 5.46 -10.28 14.04
N ALA A 186 5.31 -11.13 13.02
CA ALA A 186 5.57 -12.54 13.16
C ALA A 186 7.07 -12.80 13.32
N LEU A 187 7.87 -12.04 12.60
CA LEU A 187 9.32 -12.05 12.73
C LEU A 187 9.76 -11.78 14.16
N HIS A 188 9.09 -10.83 14.81
CA HIS A 188 9.33 -10.52 16.21
C HIS A 188 9.10 -11.75 17.11
N LYS A 189 7.99 -12.45 16.88
CA LYS A 189 7.61 -13.63 17.65
C LYS A 189 8.62 -14.77 17.51
N VAL A 190 9.22 -14.89 16.33
CA VAL A 190 10.24 -15.90 16.08
C VAL A 190 11.47 -15.65 16.94
N ARG A 191 11.84 -14.38 17.10
CA ARG A 191 12.96 -14.00 17.97
C ARG A 191 12.66 -14.35 19.43
N GLU A 192 11.39 -14.20 19.82
CA GLU A 192 10.97 -14.53 21.19
C GLU A 192 10.92 -16.04 21.48
N THR A 193 10.49 -16.84 20.50
CA THR A 193 10.22 -18.27 20.75
C THR A 193 10.99 -19.27 19.89
N GLY A 194 11.59 -18.80 18.79
CA GLY A 194 12.28 -19.68 17.85
C GLY A 194 11.38 -20.52 16.95
N LYS A 195 10.07 -20.29 17.02
CA LYS A 195 9.11 -20.98 16.16
C LYS A 195 8.54 -20.06 15.08
N GLY A 196 8.45 -20.60 13.86
CA GLY A 196 7.90 -19.86 12.72
C GLY A 196 6.42 -19.53 12.80
N GLU A 197 5.91 -18.91 11.73
CA GLU A 197 4.50 -18.50 11.62
C GLU A 197 4.00 -18.59 10.19
N SER A 198 2.71 -18.85 10.04
CA SER A 198 2.00 -18.70 8.76
C SER A 198 0.91 -17.63 8.88
N ILE A 199 0.78 -16.78 7.86
CA ILE A 199 -0.15 -15.66 7.90
C ILE A 199 -1.07 -15.67 6.69
N ASP A 200 -2.37 -15.56 6.95
CA ASP A 200 -3.43 -15.66 5.96
C ASP A 200 -4.02 -14.30 5.73
N ILE A 201 -3.47 -13.58 4.75
CA ILE A 201 -3.94 -12.25 4.40
C ILE A 201 -4.90 -12.36 3.21
N ALA A 202 -6.20 -12.19 3.48
CA ALA A 202 -7.22 -12.12 2.45
C ALA A 202 -7.45 -10.64 2.06
N MET A 203 -7.25 -10.29 0.80
CA MET A 203 -7.42 -8.89 0.36
C MET A 203 -8.77 -8.25 0.76
N TYR A 204 -9.87 -8.99 0.61
CA TYR A 204 -11.19 -8.45 0.97
C TYR A 204 -11.30 -8.17 2.47
N GLU A 205 -10.58 -8.95 3.29
CA GLU A 205 -10.58 -8.78 4.75
C GLU A 205 -9.77 -7.56 5.16
N VAL A 206 -8.65 -7.32 4.50
CA VAL A 206 -7.91 -6.08 4.65
C VAL A 206 -8.82 -4.87 4.34
N MET A 207 -9.46 -4.88 3.17
CA MET A 207 -10.30 -3.79 2.70
C MET A 207 -11.59 -3.64 3.50
N LEU A 208 -12.11 -4.74 4.04
CA LEU A 208 -13.25 -4.67 4.92
C LEU A 208 -12.92 -3.78 6.12
N ARG A 209 -11.74 -3.98 6.69
CA ARG A 209 -11.27 -3.19 7.82
C ARG A 209 -11.16 -1.71 7.45
N MET A 210 -10.57 -1.45 6.30
CA MET A 210 -10.28 -0.06 5.89
C MET A 210 -11.55 0.70 5.57
N GLY A 211 -12.66 0.00 5.46
CA GLY A 211 -13.95 0.63 5.14
C GLY A 211 -14.96 0.69 6.27
N GLN A 212 -14.51 0.67 7.52
CA GLN A 212 -15.45 0.50 8.67
C GLN A 212 -16.01 1.75 9.32
N TYR A 213 -15.44 2.91 8.99
CA TYR A 213 -15.79 4.14 9.67
C TYR A 213 -17.31 4.35 9.77
N PHE A 214 -18.00 4.20 8.65
CA PHE A 214 -19.45 4.29 8.66
C PHE A 214 -20.12 2.94 8.59
N MET A 215 -19.41 1.94 8.06
CA MET A 215 -20.01 0.60 7.97
C MET A 215 -20.37 0.03 9.34
N MET A 216 -19.63 0.43 10.37
CA MET A 216 -19.96 0.04 11.72
C MET A 216 -21.35 0.50 12.17
N ASP A 217 -21.85 1.60 11.59
CA ASP A 217 -23.24 2.02 11.79
C ASP A 217 -24.18 0.93 11.32
N TYR A 218 -24.01 0.47 10.08
CA TYR A 218 -24.86 -0.59 9.55
C TYR A 218 -24.82 -1.87 10.39
N PHE A 219 -23.64 -2.29 10.84
CA PHE A 219 -23.54 -3.53 11.61
C PHE A 219 -24.18 -3.43 13.00
N ASN A 220 -24.45 -2.21 13.47
CA ASN A 220 -24.98 -2.05 14.82
C ASN A 220 -26.23 -1.16 14.92
N GLY A 221 -27.24 -1.50 14.11
CA GLY A 221 -28.54 -0.85 14.20
C GLY A 221 -28.78 0.30 13.23
N GLY A 222 -27.71 0.92 12.76
CA GLY A 222 -27.80 2.14 11.94
C GLY A 222 -28.12 1.93 10.47
N GLU A 223 -28.02 3.04 9.72
CA GLU A 223 -28.12 3.05 8.27
C GLU A 223 -26.69 3.07 7.76
N MET A 224 -26.48 2.68 6.52
CA MET A 224 -25.16 2.93 5.88
C MET A 224 -25.16 4.37 5.32
N CYS A 225 -23.99 4.99 5.26
CA CYS A 225 -23.89 6.36 4.74
C CYS A 225 -24.05 6.38 3.21
N PRO A 226 -24.50 7.51 2.65
CA PRO A 226 -24.41 7.64 1.20
C PRO A 226 -22.96 7.90 0.73
N ARG A 227 -22.78 7.96 -0.59
CA ARG A 227 -21.52 8.33 -1.18
C ARG A 227 -21.40 9.85 -1.14
N MET A 228 -20.16 10.35 -1.21
CA MET A 228 -19.91 11.79 -1.32
C MET A 228 -20.65 12.45 -2.48
N SER A 229 -21.03 13.72 -2.29
CA SER A 229 -21.51 14.50 -3.39
C SER A 229 -20.44 15.52 -3.77
N LYS A 230 -19.79 15.26 -4.90
CA LYS A 230 -18.77 16.17 -5.48
C LYS A 230 -17.63 16.44 -4.49
N GLY A 231 -17.14 15.37 -3.88
CA GLY A 231 -15.98 15.42 -3.00
C GLY A 231 -16.24 15.97 -1.63
N LYS A 232 -17.52 16.14 -1.25
CA LYS A 232 -17.84 16.63 0.09
C LYS A 232 -18.18 15.49 1.04
N ASP A 233 -17.72 15.58 2.29
CA ASP A 233 -17.93 14.48 3.26
C ASP A 233 -19.41 14.13 3.25
N PRO A 234 -19.77 12.83 3.24
CA PRO A 234 -21.22 12.50 3.22
C PRO A 234 -22.01 12.88 4.49
N TYR A 235 -21.32 13.09 5.60
CA TYR A 235 -21.99 13.38 6.86
C TYR A 235 -21.63 14.74 7.46
N TYR A 236 -20.38 15.17 7.27
CA TYR A 236 -19.86 16.29 8.05
C TYR A 236 -19.65 17.54 7.23
N ALA A 237 -20.40 18.57 7.58
CA ALA A 237 -20.29 19.88 6.94
C ALA A 237 -18.90 20.49 7.16
N GLY A 238 -18.40 21.16 6.13
CA GLY A 238 -17.12 21.82 6.19
C GLY A 238 -15.94 20.90 6.00
N CYS A 239 -16.22 19.69 5.50
CA CYS A 239 -15.21 18.66 5.30
C CYS A 239 -15.22 18.15 3.88
N GLY A 240 -14.08 18.26 3.21
CA GLY A 240 -13.94 17.78 1.85
C GLY A 240 -13.54 18.83 0.83
N LEU A 241 -14.02 18.62 -0.40
CA LEU A 241 -13.67 19.44 -1.57
C LEU A 241 -14.53 20.69 -1.66
N TYR A 242 -13.85 21.84 -1.71
CA TYR A 242 -14.50 23.14 -1.83
C TYR A 242 -13.86 23.98 -2.92
N LYS A 243 -14.57 24.99 -3.38
CA LYS A 243 -14.05 25.87 -4.40
C LYS A 243 -13.86 27.29 -3.90
N CYS A 244 -12.65 27.81 -4.05
CA CYS A 244 -12.36 29.22 -3.80
C CYS A 244 -12.52 30.01 -5.10
N ALA A 245 -12.29 31.32 -5.05
CA ALA A 245 -12.43 32.16 -6.23
C ALA A 245 -11.56 31.71 -7.41
N ASP A 246 -10.45 31.03 -7.10
CA ASP A 246 -9.46 30.67 -8.11
C ASP A 246 -9.03 29.19 -8.08
N GLY A 247 -9.91 28.31 -7.61
CA GLY A 247 -9.67 26.87 -7.71
C GLY A 247 -9.94 26.07 -6.46
N TYR A 248 -9.81 24.75 -6.60
CA TYR A 248 -10.16 23.77 -5.57
C TYR A 248 -9.24 23.79 -4.34
N ILE A 249 -9.83 23.84 -3.15
CA ILE A 249 -9.13 23.46 -1.91
C ILE A 249 -9.83 22.32 -1.13
N VAL A 250 -9.12 21.72 -0.18
CA VAL A 250 -9.80 20.86 0.81
C VAL A 250 -9.75 21.52 2.18
N MET A 251 -10.71 21.17 3.03
CA MET A 251 -10.74 21.68 4.39
C MET A 251 -11.44 20.73 5.33
N GLU A 252 -11.13 20.86 6.62
CA GLU A 252 -11.77 20.06 7.67
C GLU A 252 -12.21 20.95 8.81
N LEU A 253 -13.50 21.25 8.85
CA LEU A 253 -14.07 22.02 9.93
C LEU A 253 -14.26 21.11 11.15
N VAL A 254 -13.25 21.11 12.03
CA VAL A 254 -13.19 20.22 13.16
C VAL A 254 -12.66 20.94 14.39
N GLY A 255 -13.35 20.81 15.52
CA GLY A 255 -12.92 21.42 16.77
C GLY A 255 -13.83 22.54 17.21
N ILE A 256 -13.81 22.81 18.52
CA ILE A 256 -14.71 23.78 19.14
C ILE A 256 -14.51 25.19 18.61
N THR A 257 -13.26 25.64 18.69
CA THR A 257 -12.82 26.96 18.29
C THR A 257 -12.95 27.16 16.79
N GLN A 258 -12.56 26.14 16.03
CA GLN A 258 -12.57 26.21 14.58
C GLN A 258 -13.99 26.51 14.09
N ILE A 259 -14.97 25.81 14.68
CA ILE A 259 -16.35 25.98 14.33
C ILE A 259 -16.89 27.36 14.78
N GLU A 260 -16.61 27.76 16.02
CA GLU A 260 -17.10 29.03 16.53
C GLU A 260 -16.66 30.17 15.62
N GLU A 261 -15.37 30.18 15.29
CA GLU A 261 -14.75 31.28 14.54
C GLU A 261 -15.09 31.26 13.05
N CYS A 262 -15.29 30.06 12.50
CA CYS A 262 -15.66 29.93 11.12
C CYS A 262 -17.13 30.35 10.90
N PHE A 263 -18.04 29.88 11.76
CA PHE A 263 -19.41 30.38 11.76
C PHE A 263 -19.50 31.91 11.82
N LYS A 264 -18.64 32.54 12.62
CA LYS A 264 -18.59 34.00 12.70
C LYS A 264 -18.21 34.67 11.38
N ASP A 265 -17.21 34.10 10.70
CA ASP A 265 -16.79 34.58 9.38
C ASP A 265 -17.87 34.49 8.29
N ILE A 266 -18.57 33.35 8.24
CA ILE A 266 -19.47 33.04 7.12
C ILE A 266 -20.86 33.65 7.36
N GLY A 267 -21.04 34.23 8.55
CA GLY A 267 -22.25 34.95 8.91
C GLY A 267 -23.25 34.12 9.69
N LEU A 268 -22.75 33.12 10.39
CA LEU A 268 -23.62 32.20 11.11
C LEU A 268 -23.40 32.23 12.63
N ALA A 269 -22.69 33.25 13.09
CA ALA A 269 -22.50 33.54 14.52
C ALA A 269 -23.73 33.21 15.37
N HIS A 270 -24.91 33.67 14.95
CA HIS A 270 -26.13 33.50 15.72
C HIS A 270 -26.57 32.04 15.95
N LEU A 271 -26.00 31.12 15.19
CA LEU A 271 -26.29 29.68 15.37
C LEU A 271 -25.58 29.07 16.58
N LEU A 272 -24.45 29.67 16.98
CA LEU A 272 -23.66 29.16 18.10
C LEU A 272 -24.44 29.37 19.41
N GLY A 273 -24.66 28.27 20.13
CA GLY A 273 -25.32 28.32 21.43
C GLY A 273 -26.75 27.83 21.44
N THR A 274 -27.31 27.55 20.26
CA THR A 274 -28.66 26.98 20.16
C THR A 274 -28.69 25.51 20.64
N PRO A 275 -29.87 25.03 21.07
CA PRO A 275 -30.02 23.61 21.43
C PRO A 275 -29.28 22.60 20.55
N GLU A 276 -29.31 22.79 19.23
CA GLU A 276 -28.69 21.79 18.34
C GLU A 276 -27.22 22.07 18.06
N ILE A 277 -26.75 23.28 18.42
CA ILE A 277 -25.30 23.59 18.38
C ILE A 277 -24.80 24.17 19.71
N PRO A 278 -24.74 23.34 20.75
CA PRO A 278 -24.29 23.84 22.06
C PRO A 278 -22.80 24.19 22.06
N GLU A 279 -22.35 24.87 23.13
CA GLU A 279 -21.02 25.49 23.17
C GLU A 279 -19.82 24.59 22.88
N GLY A 280 -19.83 23.35 23.36
CA GLY A 280 -18.69 22.46 23.09
C GLY A 280 -18.69 21.66 21.79
N THR A 281 -19.50 22.06 20.81
CA THR A 281 -19.67 21.33 19.55
C THR A 281 -18.37 21.27 18.73
N GLN A 282 -17.89 20.06 18.45
CA GLN A 282 -16.65 19.93 17.70
C GLN A 282 -16.79 19.38 16.27
N LEU A 283 -18.02 19.06 15.87
CA LEU A 283 -18.27 18.54 14.53
C LEU A 283 -19.71 18.87 14.19
N ILE A 284 -20.00 19.30 12.97
CA ILE A 284 -21.39 19.45 12.58
C ILE A 284 -21.86 18.40 11.56
N HIS A 285 -22.83 17.58 11.96
CA HIS A 285 -23.43 16.59 11.08
C HIS A 285 -24.44 17.24 10.14
N ARG A 286 -24.18 17.13 8.84
CA ARG A 286 -24.96 17.87 7.84
C ARG A 286 -26.41 17.36 7.64
N ILE A 287 -26.68 16.11 7.99
CA ILE A 287 -27.97 15.52 7.70
C ILE A 287 -28.86 15.57 8.94
N GLU A 288 -28.25 15.34 10.10
CA GLU A 288 -28.96 15.44 11.37
C GLU A 288 -29.35 16.90 11.73
N CYS A 289 -28.56 17.85 11.23
CA CYS A 289 -28.70 19.25 11.57
C CYS A 289 -29.55 20.03 10.56
N PRO A 290 -30.74 20.54 10.97
CA PRO A 290 -31.55 21.40 10.09
C PRO A 290 -30.76 22.54 9.47
N TYR A 291 -29.67 22.95 10.10
CA TYR A 291 -28.88 24.08 9.64
C TYR A 291 -27.70 23.63 8.81
N GLY A 292 -27.58 22.31 8.61
CA GLY A 292 -26.50 21.71 7.84
C GLY A 292 -26.33 22.29 6.44
N PRO A 293 -27.39 22.22 5.61
CA PRO A 293 -27.36 22.88 4.31
C PRO A 293 -27.08 24.39 4.33
N LEU A 294 -27.66 25.13 5.29
CA LEU A 294 -27.35 26.53 5.46
C LEU A 294 -25.86 26.74 5.66
N VAL A 295 -25.26 25.93 6.53
CA VAL A 295 -23.84 25.99 6.79
C VAL A 295 -23.06 25.87 5.47
N GLU A 296 -23.46 24.90 4.64
CA GLU A 296 -22.75 24.63 3.37
C GLU A 296 -22.88 25.81 2.42
N GLU A 297 -24.09 26.36 2.36
CA GLU A 297 -24.41 27.49 1.52
C GLU A 297 -23.56 28.72 1.87
N LYS A 298 -23.43 29.01 3.16
CA LYS A 298 -22.61 30.15 3.59
C LYS A 298 -21.10 29.89 3.44
N LEU A 299 -20.64 28.69 3.77
CA LEU A 299 -19.23 28.34 3.58
C LEU A 299 -18.87 28.50 2.10
N ASP A 300 -19.65 27.83 1.23
CA ASP A 300 -19.45 27.92 -0.21
C ASP A 300 -19.41 29.38 -0.67
N ALA A 301 -20.34 30.20 -0.17
CA ALA A 301 -20.45 31.62 -0.59
C ALA A 301 -19.28 32.48 -0.10
N TRP A 302 -18.85 32.24 1.13
CA TRP A 302 -17.69 32.92 1.71
C TRP A 302 -16.37 32.49 1.03
N LEU A 303 -16.27 31.21 0.66
CA LEU A 303 -15.06 30.71 0.00
C LEU A 303 -14.91 31.24 -1.43
N ALA A 304 -16.03 31.50 -2.11
CA ALA A 304 -16.00 31.87 -3.52
C ALA A 304 -15.56 33.32 -3.71
N THR A 305 -15.54 34.04 -2.58
CA THR A 305 -15.15 35.44 -2.48
C THR A 305 -13.65 35.61 -2.35
N HIS A 306 -12.99 34.58 -1.81
CA HIS A 306 -11.59 34.62 -1.44
C HIS A 306 -10.72 33.77 -2.36
N THR A 307 -9.46 34.17 -2.51
CA THR A 307 -8.51 33.30 -3.20
C THR A 307 -8.00 32.20 -2.28
N ILE A 308 -7.45 31.15 -2.88
CA ILE A 308 -6.86 30.04 -2.13
C ILE A 308 -5.87 30.58 -1.08
N ALA A 309 -5.03 31.53 -1.48
CA ALA A 309 -4.03 32.13 -0.59
C ALA A 309 -4.65 32.85 0.62
N GLU A 310 -5.74 33.59 0.38
CA GLU A 310 -6.44 34.28 1.48
C GLU A 310 -7.11 33.31 2.46
N VAL A 311 -7.75 32.27 1.93
CA VAL A 311 -8.34 31.20 2.77
C VAL A 311 -7.28 30.50 3.64
N LYS A 312 -6.17 30.11 3.01
CA LYS A 312 -5.06 29.48 3.73
C LYS A 312 -4.53 30.32 4.88
N GLU A 313 -4.39 31.63 4.64
CA GLU A 313 -3.86 32.56 5.65
C GLU A 313 -4.80 32.65 6.85
N ARG A 314 -6.10 32.78 6.58
CA ARG A 314 -7.12 32.84 7.63
C ARG A 314 -7.33 31.48 8.32
N PHE A 315 -7.28 30.38 7.56
CA PHE A 315 -7.42 29.05 8.17
C PHE A 315 -6.25 28.67 9.06
N ALA A 316 -5.05 29.16 8.71
CA ALA A 316 -3.87 29.10 9.56
C ALA A 316 -4.02 29.89 10.86
N GLU A 317 -4.76 31.00 10.82
CA GLU A 317 -5.03 31.80 12.01
C GLU A 317 -5.96 31.08 12.97
N LEU A 318 -6.82 30.23 12.41
CA LEU A 318 -7.85 29.54 13.17
C LEU A 318 -7.55 28.05 13.42
N ASN A 319 -6.40 27.56 12.98
CA ASN A 319 -6.03 26.16 13.16
C ASN A 319 -7.03 25.21 12.46
N ILE A 320 -7.47 25.63 11.27
CA ILE A 320 -8.33 24.82 10.43
C ILE A 320 -7.47 24.19 9.35
N ALA A 321 -7.44 22.87 9.31
CA ALA A 321 -6.65 22.13 8.33
C ALA A 321 -7.24 22.37 6.95
N CYS A 322 -6.36 22.66 5.99
CA CYS A 322 -6.73 22.82 4.60
C CYS A 322 -5.49 22.77 3.72
N ALA A 323 -5.73 22.63 2.42
CA ALA A 323 -4.66 22.60 1.44
C ALA A 323 -5.24 22.84 0.05
N LYS A 324 -4.41 23.41 -0.82
CA LYS A 324 -4.70 23.46 -2.24
C LYS A 324 -4.68 22.04 -2.80
N VAL A 325 -5.67 21.74 -3.64
CA VAL A 325 -5.65 20.50 -4.41
C VAL A 325 -4.58 20.62 -5.49
N LEU A 326 -3.48 19.89 -5.33
CA LEU A 326 -2.34 20.04 -6.22
C LEU A 326 -2.46 19.06 -7.37
N THR A 327 -2.04 19.50 -8.54
CA THR A 327 -1.91 18.60 -9.67
C THR A 327 -0.47 18.04 -9.71
N VAL A 328 -0.31 16.90 -10.36
CA VAL A 328 1.00 16.26 -10.48
C VAL A 328 2.14 17.21 -10.88
N PRO A 329 1.93 18.05 -11.93
CA PRO A 329 2.99 19.00 -12.32
C PRO A 329 3.32 20.05 -11.28
N GLU A 330 2.57 20.12 -10.19
CA GLU A 330 2.88 21.10 -9.14
C GLU A 330 3.74 20.52 -8.02
N LEU A 331 3.92 19.21 -8.02
CA LEU A 331 4.60 18.56 -6.90
C LEU A 331 6.11 18.83 -6.80
N GLU A 332 6.84 18.68 -7.90
CA GLU A 332 8.29 18.79 -7.86
C GLU A 332 8.82 20.10 -7.29
N SER A 333 8.16 21.22 -7.59
CA SER A 333 8.71 22.51 -7.21
C SER A 333 8.12 22.99 -5.90
N ASN A 334 7.24 22.21 -5.29
CA ASN A 334 6.72 22.60 -3.98
C ASN A 334 7.87 22.66 -2.96
N PRO A 335 7.98 23.79 -2.22
CA PRO A 335 9.11 23.99 -1.32
C PRO A 335 9.23 22.92 -0.25
N GLN A 336 8.11 22.37 0.22
CA GLN A 336 8.13 21.26 1.19
C GLN A 336 8.72 19.98 0.60
N TYR A 337 8.32 19.65 -0.64
CA TYR A 337 8.91 18.55 -1.39
C TYR A 337 10.41 18.73 -1.59
N VAL A 338 10.81 19.90 -2.06
CA VAL A 338 12.20 20.22 -2.31
C VAL A 338 13.00 20.13 -1.01
N ALA A 339 12.51 20.78 0.04
CA ALA A 339 13.18 20.80 1.34
C ALA A 339 13.44 19.40 1.91
N ARG A 340 12.50 18.47 1.68
CA ARG A 340 12.58 17.15 2.30
C ARG A 340 13.12 16.09 1.38
N GLU A 341 13.47 16.50 0.15
CA GLU A 341 13.84 15.60 -0.92
C GLU A 341 12.84 14.45 -1.06
N SER A 342 11.57 14.79 -1.12
CA SER A 342 10.49 13.83 -1.22
C SER A 342 10.54 13.09 -2.56
N ILE A 343 11.00 13.80 -3.57
CA ILE A 343 11.23 13.28 -4.90
C ILE A 343 12.72 13.35 -5.16
N THR A 344 13.30 12.27 -5.69
CA THR A 344 14.73 12.18 -5.87
C THR A 344 15.05 11.58 -7.23
N GLN A 345 16.33 11.29 -7.49
CA GLN A 345 16.75 10.59 -8.68
C GLN A 345 17.71 9.46 -8.34
N TRP A 346 17.76 8.47 -9.23
CA TRP A 346 18.67 7.35 -9.11
C TRP A 346 19.02 6.83 -10.51
N GLN A 347 20.04 5.97 -10.59
CA GLN A 347 20.39 5.36 -11.87
C GLN A 347 19.74 3.99 -12.05
N THR A 348 19.17 3.75 -13.23
CA THR A 348 18.72 2.41 -13.62
C THR A 348 19.91 1.48 -13.93
N MET A 349 19.63 0.18 -13.97
CA MET A 349 20.66 -0.85 -14.20
C MET A 349 21.41 -0.64 -15.51
N ASP A 350 20.77 -0.03 -16.50
CA ASP A 350 21.40 0.27 -17.79
C ASP A 350 21.96 1.70 -17.89
N GLY A 351 22.00 2.40 -16.76
CA GLY A 351 22.66 3.71 -16.68
C GLY A 351 21.86 4.95 -17.06
N ARG A 352 20.55 4.85 -17.15
CA ARG A 352 19.72 6.04 -17.37
C ARG A 352 19.35 6.66 -16.03
N THR A 353 19.04 7.95 -16.05
CA THR A 353 18.63 8.65 -14.84
C THR A 353 17.13 8.44 -14.63
N CYS A 354 16.76 8.11 -13.39
CA CYS A 354 15.39 7.85 -13.08
C CYS A 354 14.92 8.77 -11.97
N LYS A 355 13.73 9.33 -12.15
CA LYS A 355 13.16 10.25 -11.16
C LYS A 355 11.89 9.67 -10.52
N GLY A 356 11.72 9.93 -9.21
CA GLY A 356 10.55 9.43 -8.47
C GLY A 356 10.71 9.53 -6.97
N PRO A 357 9.69 9.09 -6.20
CA PRO A 357 9.75 9.29 -4.74
C PRO A 357 11.01 8.73 -4.09
N ASN A 358 11.50 9.45 -3.08
CA ASN A 358 12.57 8.98 -2.24
C ASN A 358 12.05 7.86 -1.34
N ILE A 359 12.93 7.22 -0.57
CA ILE A 359 12.52 6.28 0.46
C ILE A 359 11.56 6.95 1.42
N MET A 360 10.50 6.26 1.80
CA MET A 360 9.69 6.70 2.92
C MET A 360 9.44 5.51 3.86
N PRO A 361 9.25 5.78 5.16
CA PRO A 361 9.35 7.08 5.81
C PRO A 361 10.83 7.37 6.08
N LYS A 362 11.13 8.43 6.80
CA LYS A 362 12.53 8.79 7.12
C LYS A 362 12.95 8.21 8.47
N PHE A 363 13.82 7.20 8.44
CA PHE A 363 14.45 6.68 9.66
C PHE A 363 15.61 7.57 10.01
N LYS A 364 15.61 8.07 11.25
CA LYS A 364 16.66 8.97 11.71
C LYS A 364 18.03 8.29 11.77
N ASN A 365 18.17 7.26 12.60
CA ASN A 365 19.48 6.64 12.80
C ASN A 365 19.92 5.74 11.64
N ASN A 366 18.96 5.07 11.00
CA ASN A 366 19.27 4.13 9.92
C ASN A 366 18.40 4.38 8.68
N PRO A 367 18.63 5.51 7.98
CA PRO A 367 17.82 5.83 6.82
C PRO A 367 17.98 4.78 5.73
N GLY A 368 16.86 4.46 5.07
CA GLY A 368 16.89 3.69 3.82
C GLY A 368 17.68 4.47 2.79
N GLN A 369 18.00 3.81 1.68
CA GLN A 369 18.73 4.42 0.56
C GLN A 369 18.41 3.62 -0.69
N ILE A 370 18.63 4.22 -1.86
CA ILE A 370 18.46 3.52 -3.13
C ILE A 370 19.83 3.07 -3.62
N TRP A 371 20.07 1.76 -3.58
CA TRP A 371 21.38 1.20 -3.97
C TRP A 371 21.38 0.44 -5.29
N ARG A 372 20.21 0.07 -5.81
CA ARG A 372 20.17 -0.59 -7.12
C ARG A 372 18.89 -0.28 -7.87
N GLY A 373 18.99 -0.17 -9.18
CA GLY A 373 17.80 -0.07 -10.02
C GLY A 373 17.13 -1.42 -10.15
N MET A 374 15.98 -1.45 -10.82
CA MET A 374 15.27 -2.68 -11.12
C MET A 374 16.19 -3.64 -11.88
N PRO A 375 16.34 -4.89 -11.40
CA PRO A 375 17.05 -5.90 -12.18
C PRO A 375 16.21 -6.47 -13.32
N SER A 376 16.91 -6.94 -14.36
CA SER A 376 16.30 -7.63 -15.49
C SER A 376 15.90 -9.04 -15.10
N HIS A 377 15.10 -9.69 -15.97
CA HIS A 377 14.61 -11.04 -15.71
C HIS A 377 15.74 -12.06 -15.48
N GLY A 378 15.79 -12.61 -14.27
CA GLY A 378 16.79 -13.61 -13.90
C GLY A 378 18.22 -13.12 -13.77
N MET A 379 18.40 -11.79 -13.71
CA MET A 379 19.72 -11.15 -13.63
C MET A 379 20.66 -11.79 -12.60
N ASP A 380 20.10 -12.23 -11.49
CA ASP A 380 20.89 -12.72 -10.36
C ASP A 380 20.64 -14.22 -10.05
N THR A 381 19.91 -14.89 -10.95
CA THR A 381 19.54 -16.30 -10.74
C THR A 381 20.77 -17.20 -10.60
N ALA A 382 21.83 -16.87 -11.32
CA ALA A 382 23.05 -17.67 -11.29
C ALA A 382 23.89 -17.38 -10.04
N ALA A 383 23.76 -16.13 -9.54
CA ALA A 383 24.58 -15.73 -8.40
C ALA A 383 23.98 -16.24 -7.09
N ILE A 384 22.65 -16.43 -7.08
CA ILE A 384 21.92 -16.91 -5.91
C ILE A 384 22.05 -18.41 -5.76
N LEU A 385 21.91 -19.14 -6.87
CA LEU A 385 22.02 -20.60 -6.86
C LEU A 385 23.41 -21.05 -6.42
N LYS A 386 24.44 -20.28 -6.82
CA LYS A 386 25.82 -20.56 -6.42
C LYS A 386 26.09 -20.21 -4.96
N ASN A 387 25.38 -19.20 -4.44
CA ASN A 387 25.45 -18.87 -3.01
C ASN A 387 24.76 -19.95 -2.17
N ILE A 388 23.71 -20.54 -2.73
CA ILE A 388 22.97 -21.62 -2.07
C ILE A 388 23.67 -22.97 -2.22
N GLY A 389 24.92 -22.93 -2.69
CA GLY A 389 25.79 -24.12 -2.70
C GLY A 389 25.80 -24.95 -3.97
N TYR A 390 24.91 -24.63 -4.92
CA TYR A 390 24.81 -25.38 -6.17
C TYR A 390 26.04 -25.17 -7.06
N SER A 391 26.53 -26.26 -7.65
CA SER A 391 27.74 -26.25 -8.49
C SER A 391 27.58 -25.38 -9.74
N GLU A 392 28.70 -25.05 -10.38
CA GLU A 392 28.70 -24.28 -11.62
C GLU A 392 28.01 -25.06 -12.74
N ASN A 393 28.32 -26.36 -12.82
CA ASN A 393 27.66 -27.27 -13.76
C ASN A 393 26.18 -27.47 -13.38
N ASP A 394 25.96 -27.73 -12.07
CA ASP A 394 24.60 -27.97 -11.57
C ASP A 394 23.59 -26.91 -12.04
N ILE A 395 24.00 -25.63 -12.00
CA ILE A 395 23.13 -24.51 -12.45
C ILE A 395 23.00 -24.47 -13.98
N GLN A 396 24.02 -24.96 -14.69
CA GLN A 396 23.95 -25.14 -16.15
C GLN A 396 22.89 -26.21 -16.54
N GLU A 397 22.80 -27.27 -15.73
CA GLU A 397 21.79 -28.32 -15.93
C GLU A 397 20.35 -27.86 -15.58
N LEU A 398 20.22 -26.92 -14.64
CA LEU A 398 18.89 -26.37 -14.27
C LEU A 398 18.31 -25.54 -15.42
N VAL A 399 19.45 -24.60 -16.01
CA VAL A 399 19.13 -23.75 -17.15
C VAL A 399 18.55 -24.57 -18.31
N SER A 400 19.29 -25.61 -18.73
CA SER A 400 18.95 -26.44 -19.91
C SER A 400 17.57 -27.09 -19.87
N LYS A 401 17.30 -27.75 -18.64
CA LYS A 401 16.04 -28.44 -18.46
C LYS A 401 14.85 -27.47 -18.34
N GLY A 402 15.14 -26.16 -18.38
CA GLY A 402 14.11 -25.12 -18.33
C GLY A 402 13.59 -24.83 -16.93
N LEU A 403 14.29 -25.37 -15.92
CA LEU A 403 13.93 -25.13 -14.52
C LEU A 403 14.40 -23.74 -14.03
N ALA A 404 15.64 -23.35 -14.38
CA ALA A 404 16.09 -21.96 -14.14
C ALA A 404 16.22 -21.21 -15.46
N LYS A 405 15.91 -19.90 -15.44
CA LYS A 405 15.76 -19.16 -16.71
C LYS A 405 16.32 -17.74 -16.79
N VAL A 406 16.16 -17.17 -17.98
CA VAL A 406 16.85 -15.97 -18.45
C VAL A 406 18.36 -15.96 -18.15
N GLU A 407 18.76 -15.26 -17.09
CA GLU A 407 20.15 -14.99 -16.72
C GLU A 407 20.82 -14.09 -17.77
N ASP A 408 20.07 -13.10 -18.24
CA ASP A 408 20.54 -12.16 -19.24
C ASP A 408 20.56 -10.71 -18.65
O1 CCQ B . -4.55 -5.33 -8.46
C1 CCQ B . -3.34 -5.37 -8.66
C2 CCQ B . -2.81 -4.55 -9.84
C3 CCQ B . -3.74 -4.51 -11.09
C4 CCQ B . -3.31 -3.49 -12.17
N5 CCQ B . -3.68 -3.80 -13.60
C5C CCQ B . -3.72 -5.26 -13.84
C5B CCQ B . -2.67 -3.24 -14.52
C5A CCQ B . -4.94 -3.18 -14.01
O3 CCQ B . -5.10 -4.24 -10.69
S1P CCQ B . -2.38 -6.32 -7.63
C2P CCQ B . -3.33 -7.65 -7.02
C3P CCQ B . -2.69 -8.91 -7.60
N4P CCQ B . -3.29 -10.12 -7.08
C5P CCQ B . -2.93 -10.68 -5.93
O5P CCQ B . -1.81 -10.55 -5.45
C6P CCQ B . -3.99 -11.51 -5.23
C7P CCQ B . -3.62 -12.98 -5.14
N8P CCQ B . -3.07 -13.54 -6.37
C9P CCQ B . -3.81 -14.00 -7.40
O9P CCQ B . -5.04 -13.93 -7.47
CAP CCQ B . -3.02 -14.65 -8.50
OAP CCQ B . -1.66 -14.79 -8.08
CBP CCQ B . -3.00 -13.91 -9.83
CDP CCQ B . -1.58 -14.05 -10.36
CEP CCQ B . -3.26 -12.41 -9.72
CCP CCQ B . -3.95 -14.60 -10.81
O6A CCQ B . -3.26 -14.94 -12.03
P2A CCQ B . -2.85 -16.39 -12.66
O4A CCQ B . -2.44 -16.09 -14.08
O5A CCQ B . -3.94 -17.42 -12.45
O3A CCQ B . -1.55 -16.93 -11.85
P1A CCQ B . 0.01 -16.69 -12.26
O1A CCQ B . 0.77 -16.35 -10.98
O2A CCQ B . 0.12 -15.75 -13.43
O5D CCQ B . 0.58 -18.11 -12.78
C5D CCQ B . -0.22 -19.23 -13.20
C4D CCQ B . 0.38 -20.51 -12.62
C3D CCQ B . -0.01 -20.72 -11.18
O3D CCQ B . -0.44 -22.06 -11.01
P3D CCQ B . -1.93 -22.51 -10.58
O7A CCQ B . -1.70 -23.92 -10.10
O8A CCQ B . -2.35 -21.57 -9.47
O9A CCQ B . -2.75 -22.36 -11.86
C2D CCQ B . 1.28 -20.54 -10.40
O2D CCQ B . 1.34 -21.36 -9.23
C1D CCQ B . 2.36 -20.88 -11.41
O4D CCQ B . 1.82 -20.45 -12.66
N9A CCQ B . 3.65 -20.24 -11.06
C4A CCQ B . 4.83 -20.88 -10.94
C5X CCQ B . 5.84 -19.86 -10.54
N7A CCQ B . 5.17 -18.69 -10.46
C8A CCQ B . 3.86 -18.93 -10.77
C6A CCQ B . 7.24 -20.32 -10.35
N6A CCQ B . 8.24 -19.48 -9.99
N1A CCQ B . 7.50 -21.64 -10.54
C2A CCQ B . 6.53 -22.51 -10.90
N3A CCQ B . 5.24 -22.16 -11.10
#